data_6F4V
#
_entry.id   6F4V
#
_cell.length_a   113.770
_cell.length_b   113.770
_cell.length_c   76.561
_cell.angle_alpha   90.00
_cell.angle_beta   90.00
_cell.angle_gamma   120.00
#
_symmetry.space_group_name_H-M   'P 61'
#
loop_
_entity.id
_entity.type
_entity.pdbx_description
1 polymer Kallistatin
2 polymer Kallistatin
3 branched '3-O-methyl-2-O-sulfo-alpha-L-idopyranuronic acid-(1-4)-methyl 2,3,6-tri-O-sulfo-alpha-D-glucopyranoside'
4 non-polymer 1,2-ETHANEDIOL
5 non-polymer GLYCEROL
6 non-polymer 'CHLORIDE ION'
7 non-polymer 'SODIUM ION'
8 water water
#
loop_
_entity_poly.entity_id
_entity_poly.type
_entity_poly.pdbx_seq_one_letter_code
_entity_poly.pdbx_strand_id
1 'polypeptide(L)'
;GSLKIAPANADFAFRFYYLIASETPGKNIFFSPLSISAAYAMLSLGACSHSRSQILEGLGFNLTELSESDVHRGFQHLLH
TLNLPGHGLETRVGSALFLSHNLKFLAKFLNDTMAVYEAKLFHTNFYDTVGTIQLINDHVKKETRGKIVDLVSELKKDVL
MVLVNYIYFKALWEKPFISSRTTPKDFYVDENTTVRVPMMLQDQEHHWYLHDRYLPCSVLRMDYKGDATVFFILPNQGKM
REIEEVLTPEMLMRWNNLLRKRNFYKKLELHLPKFSISGSYVLDQILPRLGFTDLFSKWADLSGITKQQKLEASKSFHKA
TLDVDEAGTEAAAATSFAIKF
;
A
2 'polypeptide(L)' FSAQTNRHILRFNRPFLVVIFSTSTQSVLFLGKVVDPTKP G
#
loop_
_chem_comp.id
_chem_comp.type
_chem_comp.name
_chem_comp.formula
CL non-polymer 'CHLORIDE ION' 'Cl -1'
EDO non-polymer 1,2-ETHANEDIOL 'C2 H6 O2'
GOL non-polymer GLYCEROL 'C3 H8 O3'
NA non-polymer 'SODIUM ION' 'Na 1'
Z9K L-saccharide, alpha linking '3-O-methyl-2-O-sulfo-alpha-L-idopyranuronic acid' 'C7 H12 O10 S'
Z9L D-saccharide 'methyl 2,3,6-tri-O-sulfo-alpha-D-glucopyranoside' 'C7 H14 O15 S3'
#
# COMPACT_ATOMS: atom_id res chain seq x y z
N GLY A 1 21.26 -1.97 -4.02
CA GLY A 1 20.23 -2.55 -3.10
C GLY A 1 19.21 -1.54 -2.58
N SER A 2 17.95 -1.98 -2.56
CA SER A 2 16.89 -1.44 -1.71
C SER A 2 16.59 -2.46 -0.60
N LEU A 3 17.45 -3.47 -0.47
CA LEU A 3 17.32 -4.44 0.60
C LEU A 3 17.56 -3.84 1.98
N LYS A 4 18.36 -2.78 2.08
CA LYS A 4 18.56 -2.14 3.39
C LYS A 4 17.28 -1.56 4.00
N ILE A 5 16.35 -1.13 3.15
CA ILE A 5 15.11 -0.51 3.65
C ILE A 5 13.94 -1.50 3.76
N ALA A 6 14.14 -2.74 3.32
CA ALA A 6 13.04 -3.71 3.27
C ALA A 6 12.49 -4.02 4.67
N PRO A 7 13.37 -4.20 5.68
CA PRO A 7 12.86 -4.49 7.03
C PRO A 7 11.96 -3.39 7.59
N ALA A 8 12.40 -2.12 7.49
CA ALA A 8 11.60 -1.01 8.01
C ALA A 8 10.27 -0.87 7.27
N ASN A 9 10.31 -0.96 5.93
CA ASN A 9 9.08 -0.83 5.17
C ASN A 9 8.03 -1.90 5.55
N ALA A 10 8.48 -3.14 5.74
CA ALA A 10 7.57 -4.21 6.14
C ALA A 10 7.03 -4.00 7.56
N ASP A 11 7.89 -3.53 8.46
CA ASP A 11 7.50 -3.20 9.83
C ASP A 11 6.41 -2.18 9.82
N PHE A 12 6.60 -1.10 9.05
CA PHE A 12 5.57 -0.08 8.95
C PHE A 12 4.27 -0.64 8.39
N ALA A 13 4.39 -1.43 7.31
CA ALA A 13 3.19 -2.05 6.69
C ALA A 13 2.30 -2.76 7.69
N PHE A 14 2.92 -3.63 8.48
CA PHE A 14 2.17 -4.42 9.44
C PHE A 14 1.73 -3.65 10.70
N ARG A 15 2.47 -2.63 11.09
CA ARG A 15 2.03 -1.72 12.16
C ARG A 15 0.79 -0.94 11.74
N PHE A 16 0.79 -0.44 10.49
CA PHE A 16 -0.35 0.31 9.99
C PHE A 16 -1.58 -0.59 9.92
N TYR A 17 -1.42 -1.76 9.33
CA TYR A 17 -2.51 -2.75 9.23
C TYR A 17 -3.09 -3.02 10.62
N TYR A 18 -2.21 -3.32 11.55
CA TYR A 18 -2.67 -3.71 12.89
C TYR A 18 -3.52 -2.62 13.54
N LEU A 19 -3.10 -1.38 13.40
CA LEU A 19 -3.83 -0.23 13.96
C LEU A 19 -5.23 -0.13 13.33
N ILE A 20 -5.31 -0.23 12.00
CA ILE A 20 -6.60 -0.12 11.32
C ILE A 20 -7.51 -1.28 11.73
N ALA A 21 -6.97 -2.48 11.72
CA ALA A 21 -7.75 -3.68 12.03
C ALA A 21 -8.26 -3.67 13.46
N SER A 22 -7.46 -3.11 14.36
CA SER A 22 -7.86 -3.09 15.76
C SER A 22 -8.82 -1.93 16.05
N GLU A 23 -8.67 -0.78 15.37
CA GLU A 23 -9.55 0.38 15.60
C GLU A 23 -10.90 0.28 14.85
N THR A 24 -10.91 -0.34 13.67
CA THR A 24 -12.15 -0.58 12.92
C THR A 24 -12.27 -2.06 12.54
N PRO A 25 -12.63 -2.92 13.52
CA PRO A 25 -12.72 -4.34 13.22
C PRO A 25 -13.97 -4.61 12.36
N GLY A 26 -13.98 -5.75 11.68
CA GLY A 26 -15.11 -6.13 10.84
C GLY A 26 -15.32 -5.32 9.58
N LYS A 27 -14.27 -4.64 9.10
CA LYS A 27 -14.37 -3.79 7.92
C LYS A 27 -13.28 -4.19 6.92
N ASN A 28 -13.62 -4.11 5.64
CA ASN A 28 -12.64 -4.23 4.54
C ASN A 28 -11.51 -3.21 4.78
N ILE A 29 -10.28 -3.67 4.53
CA ILE A 29 -9.10 -2.85 4.64
C ILE A 29 -8.31 -3.00 3.34
N PHE A 30 -7.81 -1.88 2.82
CA PHE A 30 -6.89 -1.97 1.68
C PHE A 30 -6.06 -0.74 1.57
N PHE A 31 -4.73 -0.91 1.60
CA PHE A 31 -3.84 0.22 1.43
C PHE A 31 -2.53 -0.20 0.81
N SER A 32 -1.77 0.78 0.33
CA SER A 32 -0.41 0.58 -0.07
C SER A 32 0.60 1.09 0.96
N PRO A 33 1.25 0.18 1.69
CA PRO A 33 2.26 0.67 2.65
C PRO A 33 3.42 1.33 1.95
N LEU A 34 3.82 0.82 0.79
CA LEU A 34 4.91 1.40 0.04
C LEU A 34 4.62 2.85 -0.35
N SER A 35 3.40 3.12 -0.79
CA SER A 35 3.04 4.48 -1.15
C SER A 35 3.13 5.42 0.04
N ILE A 36 2.62 4.97 1.18
CA ILE A 36 2.71 5.81 2.37
C ILE A 36 4.17 6.04 2.77
N SER A 37 4.95 4.96 2.86
CA SER A 37 6.38 5.06 3.24
C SER A 37 7.16 6.01 2.33
N ALA A 38 7.02 5.82 1.01
CA ALA A 38 7.72 6.67 0.06
C ALA A 38 7.28 8.13 0.10
N ALA A 39 6.00 8.38 0.30
CA ALA A 39 5.50 9.78 0.47
C ALA A 39 6.15 10.47 1.67
N TYR A 40 6.13 9.77 2.79
CA TYR A 40 6.65 10.35 4.03
C TYR A 40 8.17 10.43 4.05
N ALA A 41 8.85 9.46 3.45
CA ALA A 41 10.30 9.57 3.30
C ALA A 41 10.68 10.76 2.41
N MET A 42 9.93 10.95 1.33
CA MET A 42 10.15 12.13 0.49
C MET A 42 9.92 13.46 1.24
N LEU A 43 8.81 13.54 1.97
CA LEU A 43 8.49 14.69 2.82
C LEU A 43 9.62 15.04 3.78
N SER A 44 10.24 13.99 4.35
CA SER A 44 11.30 14.17 5.32
C SER A 44 12.48 14.90 4.76
N LEU A 45 12.71 14.87 3.45
CA LEU A 45 13.79 15.70 2.84
C LEU A 45 13.63 17.19 3.14
N GLY A 46 12.39 17.62 3.34
CA GLY A 46 12.05 18.98 3.74
C GLY A 46 11.97 19.27 5.25
N ALA A 47 12.12 18.25 6.07
CA ALA A 47 12.10 18.39 7.51
C ALA A 47 13.53 18.54 7.99
N CYS A 48 13.68 19.18 9.14
CA CYS A 48 15.00 19.40 9.74
C CYS A 48 15.03 18.85 11.15
N SER A 49 16.25 18.54 11.58
CA SER A 49 16.57 18.32 12.98
C SER A 49 15.77 17.12 13.50
N HIS A 50 15.17 17.26 14.70
CA HIS A 50 14.37 16.20 15.30
C HIS A 50 13.21 15.75 14.41
N SER A 51 12.58 16.67 13.70
CA SER A 51 11.41 16.30 12.90
C SER A 51 11.74 15.30 11.79
N ARG A 52 12.92 15.47 11.20
CA ARG A 52 13.41 14.60 10.13
C ARG A 52 13.63 13.18 10.65
N SER A 53 14.37 13.06 11.76
CA SER A 53 14.63 11.75 12.39
CA SER A 53 14.63 11.72 12.31
C SER A 53 13.36 11.06 12.83
N GLN A 54 12.45 11.83 13.42
CA GLN A 54 11.19 11.28 13.91
C GLN A 54 10.29 10.75 12.77
N ILE A 55 10.31 11.36 11.60
CA ILE A 55 9.49 10.80 10.50
C ILE A 55 10.08 9.45 10.11
N LEU A 56 11.42 9.41 9.95
CA LEU A 56 12.09 8.17 9.54
C LEU A 56 11.94 7.09 10.58
N GLU A 57 11.98 7.45 11.87
CA GLU A 57 11.75 6.46 12.93
C GLU A 57 10.32 5.94 12.96
N GLY A 58 9.34 6.80 12.73
CA GLY A 58 7.95 6.41 12.59
C GLY A 58 7.74 5.38 11.47
N LEU A 59 8.50 5.56 10.40
CA LEU A 59 8.48 4.63 9.25
C LEU A 59 9.23 3.35 9.51
N GLY A 60 9.84 3.21 10.68
CA GLY A 60 10.51 1.99 11.09
C GLY A 60 12.01 1.97 10.89
N PHE A 61 12.62 3.08 10.48
CA PHE A 61 14.05 3.05 10.19
C PHE A 61 14.85 3.17 11.47
N ASN A 62 15.89 2.35 11.59
CA ASN A 62 16.78 2.38 12.74
C ASN A 62 17.96 3.22 12.31
N LEU A 63 18.00 4.44 12.82
CA LEU A 63 19.00 5.40 12.42
C LEU A 63 20.35 5.20 13.14
N THR A 64 20.48 4.18 13.98
CA THR A 64 21.78 3.70 14.46
C THR A 64 22.42 2.76 13.45
N GLU A 65 21.59 2.07 12.66
CA GLU A 65 22.05 1.11 11.66
C GLU A 65 22.10 1.70 10.26
N LEU A 66 21.17 2.61 9.95
CA LEU A 66 21.07 3.19 8.62
C LEU A 66 21.30 4.68 8.68
N SER A 67 22.03 5.19 7.72
CA SER A 67 22.12 6.61 7.50
C SER A 67 20.91 7.09 6.71
N GLU A 68 20.70 8.38 6.76
CA GLU A 68 19.66 9.03 5.98
C GLU A 68 19.85 8.73 4.51
N SER A 69 21.11 8.82 4.09
CA SER A 69 21.51 8.47 2.74
C SER A 69 21.14 7.02 2.37
N ASP A 70 21.36 6.07 3.28
CA ASP A 70 20.94 4.69 3.04
C ASP A 70 19.41 4.60 2.77
N VAL A 71 18.64 5.38 3.51
CA VAL A 71 17.16 5.34 3.37
C VAL A 71 16.78 5.88 2.01
N HIS A 72 17.26 7.09 1.68
CA HIS A 72 16.85 7.75 0.44
C HIS A 72 17.36 7.05 -0.80
N ARG A 73 18.61 6.64 -0.79
CA ARG A 73 19.14 5.85 -1.90
C ARG A 73 18.45 4.49 -2.04
N GLY A 74 18.07 3.89 -0.90
CA GLY A 74 17.25 2.68 -0.90
C GLY A 74 15.94 2.90 -1.63
N PHE A 75 15.24 3.98 -1.31
CA PHE A 75 13.97 4.30 -2.02
C PHE A 75 14.22 4.56 -3.50
N GLN A 76 15.27 5.30 -3.82
CA GLN A 76 15.60 5.60 -5.22
C GLN A 76 15.74 4.30 -5.99
N HIS A 77 16.48 3.35 -5.43
CA HIS A 77 16.70 2.06 -6.09
C HIS A 77 15.41 1.23 -6.14
N LEU A 78 14.63 1.26 -5.06
N LEU A 78 14.62 1.25 -5.07
CA LEU A 78 13.35 0.56 -4.98
CA LEU A 78 13.37 0.50 -5.04
C LEU A 78 12.40 1.03 -6.07
C LEU A 78 12.39 1.02 -6.10
N LEU A 79 12.24 2.34 -6.17
CA LEU A 79 11.33 2.94 -7.14
C LEU A 79 11.80 2.73 -8.59
N HIS A 80 13.11 2.84 -8.80
CA HIS A 80 13.71 2.54 -10.11
C HIS A 80 13.39 1.11 -10.56
N THR A 81 13.66 0.15 -9.68
CA THR A 81 13.40 -1.26 -9.94
C THR A 81 11.92 -1.49 -10.27
N LEU A 82 11.01 -0.95 -9.45
CA LEU A 82 9.59 -1.14 -9.74
C LEU A 82 9.19 -0.55 -11.09
N ASN A 83 9.76 0.59 -11.46
CA ASN A 83 9.39 1.24 -12.69
C ASN A 83 10.00 0.61 -13.96
N LEU A 84 10.87 -0.39 -13.83
CA LEU A 84 11.48 -1.01 -15.02
C LEU A 84 10.47 -1.92 -15.74
N PRO A 85 10.54 -1.96 -17.09
CA PRO A 85 9.73 -2.86 -17.92
C PRO A 85 9.57 -4.30 -17.41
N GLY A 86 8.37 -4.87 -17.56
CA GLY A 86 8.07 -6.29 -17.26
C GLY A 86 7.09 -6.82 -18.29
N HIS A 87 7.03 -8.14 -18.46
CA HIS A 87 6.26 -8.71 -19.59
C HIS A 87 4.76 -8.83 -19.31
N GLY A 88 4.38 -9.51 -18.23
CA GLY A 88 2.96 -9.65 -17.82
C GLY A 88 2.67 -8.97 -16.49
N LEU A 89 3.42 -7.88 -16.25
CA LEU A 89 3.32 -7.08 -15.04
C LEU A 89 3.64 -5.58 -15.25
N GLU A 90 2.65 -4.73 -14.97
CA GLU A 90 2.84 -3.29 -14.98
C GLU A 90 2.90 -2.82 -13.53
N THR A 91 4.01 -2.18 -13.18
CA THR A 91 4.09 -1.44 -11.94
CA THR A 91 4.16 -1.45 -11.92
C THR A 91 4.64 -0.06 -12.29
N ARG A 92 3.95 0.97 -11.79
CA ARG A 92 4.42 2.34 -11.92
C ARG A 92 4.26 3.01 -10.59
N VAL A 93 5.31 3.67 -10.16
CA VAL A 93 5.30 4.48 -8.95
C VAL A 93 5.89 5.83 -9.31
N GLY A 94 5.21 6.90 -8.92
CA GLY A 94 5.65 8.24 -9.21
C GLY A 94 5.26 9.20 -8.10
N SER A 95 5.85 10.38 -8.14
CA SER A 95 5.70 11.39 -7.12
C SER A 95 5.53 12.73 -7.78
N ALA A 96 4.97 13.68 -7.05
CA ALA A 96 4.83 15.03 -7.53
C ALA A 96 4.70 16.00 -6.36
N LEU A 97 5.14 17.23 -6.61
CA LEU A 97 4.92 18.31 -5.71
C LEU A 97 4.11 19.36 -6.46
N PHE A 98 3.01 19.77 -5.86
CA PHE A 98 2.22 20.88 -6.33
C PHE A 98 2.62 22.09 -5.49
N LEU A 99 3.29 23.05 -6.14
CA LEU A 99 3.96 24.16 -5.47
C LEU A 99 3.19 25.45 -5.65
N SER A 100 3.05 26.24 -4.60
CA SER A 100 2.41 27.55 -4.70
C SER A 100 3.14 28.40 -5.76
N HIS A 101 2.39 28.97 -6.70
CA HIS A 101 2.94 29.98 -7.65
C HIS A 101 3.73 31.12 -6.97
N ASN A 102 3.37 31.49 -5.74
CA ASN A 102 3.99 32.65 -5.06
C ASN A 102 5.36 32.36 -4.45
N LEU A 103 5.41 31.28 -3.68
CA LEU A 103 6.42 31.06 -2.66
C LEU A 103 7.77 30.63 -3.25
N LYS A 104 8.86 31.03 -2.57
CA LYS A 104 10.21 30.62 -2.95
C LYS A 104 10.54 29.32 -2.19
N PHE A 105 10.63 28.22 -2.93
CA PHE A 105 11.00 26.94 -2.34
C PHE A 105 12.50 26.78 -2.39
N LEU A 106 13.05 26.10 -1.39
CA LEU A 106 14.49 25.89 -1.30
C LEU A 106 14.89 24.93 -2.40
N ALA A 107 15.87 25.35 -3.21
CA ALA A 107 16.34 24.56 -4.36
C ALA A 107 16.87 23.17 -3.95
N LYS A 108 17.47 23.06 -2.77
CA LYS A 108 17.98 21.79 -2.28
C LYS A 108 16.87 20.76 -2.10
N PHE A 109 15.78 21.18 -1.48
CA PHE A 109 14.62 20.32 -1.32
C PHE A 109 14.07 19.89 -2.67
N LEU A 110 13.88 20.84 -3.57
CA LEU A 110 13.32 20.51 -4.87
C LEU A 110 14.26 19.55 -5.62
N ASN A 111 15.55 19.85 -5.61
CA ASN A 111 16.57 19.02 -6.26
C ASN A 111 16.59 17.57 -5.70
N ASP A 112 16.60 17.44 -4.38
CA ASP A 112 16.58 16.13 -3.70
C ASP A 112 15.33 15.31 -4.05
N THR A 113 14.15 15.94 -4.06
CA THR A 113 12.92 15.20 -4.41
C THR A 113 12.93 14.70 -5.85
N MET A 114 13.46 15.52 -6.75
CA MET A 114 13.60 15.12 -8.14
C MET A 114 14.66 14.01 -8.31
N ALA A 115 15.82 14.19 -7.68
CA ALA A 115 16.91 13.20 -7.79
C ALA A 115 16.52 11.83 -7.22
N VAL A 116 15.89 11.80 -6.04
CA VAL A 116 15.62 10.54 -5.35
C VAL A 116 14.27 9.94 -5.70
N TYR A 117 13.23 10.77 -5.71
CA TYR A 117 11.88 10.26 -5.86
C TYR A 117 11.32 10.52 -7.26
N GLU A 118 12.14 11.09 -8.15
CA GLU A 118 11.68 11.53 -9.48
C GLU A 118 10.42 12.36 -9.45
N ALA A 119 10.32 13.23 -8.46
CA ALA A 119 9.15 14.09 -8.27
C ALA A 119 8.97 15.01 -9.51
N LYS A 120 7.78 15.05 -10.06
CA LYS A 120 7.40 16.04 -11.06
C LYS A 120 6.95 17.30 -10.31
N LEU A 121 7.39 18.47 -10.76
CA LEU A 121 6.97 19.72 -10.13
C LEU A 121 5.86 20.39 -10.93
N PHE A 122 4.78 20.76 -10.26
CA PHE A 122 3.71 21.52 -10.85
C PHE A 122 3.53 22.78 -10.04
N HIS A 123 3.15 23.86 -10.71
CA HIS A 123 2.82 25.09 -10.03
C HIS A 123 1.30 25.27 -10.05
N THR A 124 0.74 25.76 -8.94
CA THR A 124 -0.70 25.98 -8.83
C THR A 124 -1.00 27.16 -7.91
N ASN A 125 -2.20 27.71 -8.08
CA ASN A 125 -2.67 28.81 -7.26
C ASN A 125 -3.57 28.26 -6.17
N PHE A 126 -3.05 28.19 -4.95
CA PHE A 126 -3.82 27.64 -3.82
C PHE A 126 -4.99 28.52 -3.32
N TYR A 127 -5.05 29.79 -3.78
CA TYR A 127 -6.26 30.61 -3.58
C TYR A 127 -7.45 30.03 -4.34
N ASP A 128 -7.17 29.44 -5.51
CA ASP A 128 -8.16 28.68 -6.27
C ASP A 128 -8.21 27.23 -5.74
N THR A 129 -8.93 27.06 -4.64
CA THR A 129 -9.11 25.78 -3.99
C THR A 129 -9.76 24.75 -4.92
N VAL A 130 -10.83 25.15 -5.60
CA VAL A 130 -11.56 24.24 -6.51
C VAL A 130 -10.66 23.77 -7.67
N GLY A 131 -10.00 24.71 -8.34
CA GLY A 131 -9.11 24.40 -9.44
C GLY A 131 -7.91 23.55 -9.05
N THR A 132 -7.38 23.78 -7.86
CA THR A 132 -6.17 23.08 -7.40
C THR A 132 -6.53 21.64 -7.02
N ILE A 133 -7.63 21.44 -6.30
CA ILE A 133 -8.17 20.13 -6.00
C ILE A 133 -8.38 19.32 -7.29
N GLN A 134 -9.00 19.95 -8.30
CA GLN A 134 -9.22 19.27 -9.59
C GLN A 134 -7.89 18.92 -10.26
N LEU A 135 -6.93 19.86 -10.28
CA LEU A 135 -5.63 19.60 -10.90
C LEU A 135 -4.90 18.40 -10.25
N ILE A 136 -4.86 18.38 -8.92
CA ILE A 136 -4.18 17.30 -8.19
C ILE A 136 -4.92 15.99 -8.40
N ASN A 137 -6.24 16.02 -8.22
CA ASN A 137 -7.01 14.80 -8.32
C ASN A 137 -7.06 14.20 -9.72
N ASP A 138 -7.12 15.04 -10.74
CA ASP A 138 -7.04 14.57 -12.13
C ASP A 138 -5.70 13.91 -12.41
N HIS A 139 -4.61 14.50 -11.93
CA HIS A 139 -3.26 13.91 -12.11
C HIS A 139 -3.18 12.52 -11.49
N VAL A 140 -3.63 12.39 -10.25
CA VAL A 140 -3.64 11.10 -9.58
C VAL A 140 -4.53 10.07 -10.31
N LYS A 141 -5.73 10.52 -10.70
CA LYS A 141 -6.67 9.67 -11.42
C LYS A 141 -6.07 9.16 -12.73
N LYS A 142 -5.42 10.06 -13.48
CA LYS A 142 -4.80 9.68 -14.74
C LYS A 142 -3.68 8.66 -14.50
N GLU A 143 -2.83 8.93 -13.52
CA GLU A 143 -1.72 8.04 -13.20
C GLU A 143 -2.11 6.69 -12.67
N THR A 144 -3.30 6.58 -12.09
CA THR A 144 -3.82 5.32 -11.58
C THR A 144 -4.83 4.65 -12.52
N ARG A 145 -4.80 5.03 -13.81
CA ARG A 145 -5.73 4.49 -14.83
C ARG A 145 -7.18 4.52 -14.38
N GLY A 146 -7.55 5.64 -13.76
CA GLY A 146 -8.90 5.87 -13.33
C GLY A 146 -9.32 5.34 -11.97
N LYS A 147 -8.43 4.60 -11.31
CA LYS A 147 -8.80 3.91 -10.08
C LYS A 147 -8.86 4.78 -8.83
N ILE A 148 -7.94 5.71 -8.68
CA ILE A 148 -7.94 6.60 -7.51
C ILE A 148 -8.50 7.96 -7.88
N VAL A 149 -9.75 8.18 -7.46
CA VAL A 149 -10.56 9.36 -7.74
C VAL A 149 -10.71 10.15 -6.41
N ASP A 150 -10.63 11.46 -6.51
CA ASP A 150 -10.84 12.38 -5.40
C ASP A 150 -9.89 12.10 -4.21
N LEU A 151 -8.61 11.90 -4.52
CA LEU A 151 -7.64 11.64 -3.46
C LEU A 151 -7.69 12.74 -2.39
N VAL A 152 -7.54 13.97 -2.85
CA VAL A 152 -7.55 15.13 -1.96
C VAL A 152 -9.03 15.57 -1.81
N SER A 153 -9.64 15.21 -0.68
CA SER A 153 -11.07 15.50 -0.42
C SER A 153 -11.33 16.83 0.30
N GLU A 154 -10.28 17.45 0.86
CA GLU A 154 -10.32 18.81 1.45
C GLU A 154 -9.00 19.49 1.12
N LEU A 155 -9.03 20.82 1.05
CA LEU A 155 -7.83 21.62 0.87
C LEU A 155 -8.07 23.00 1.48
N LYS A 156 -7.27 23.38 2.48
CA LYS A 156 -7.42 24.71 3.10
C LYS A 156 -6.82 25.80 2.21
N LYS A 157 -7.31 27.03 2.39
CA LYS A 157 -6.87 28.16 1.54
C LYS A 157 -5.45 28.62 1.84
N ASP A 158 -4.92 28.26 3.01
CA ASP A 158 -3.55 28.62 3.41
C ASP A 158 -2.49 27.53 3.12
N VAL A 159 -2.84 26.57 2.27
CA VAL A 159 -1.89 25.54 1.82
C VAL A 159 -0.94 26.14 0.79
N LEU A 160 0.35 25.83 0.91
CA LEU A 160 1.36 26.27 -0.06
C LEU A 160 2.03 25.12 -0.83
N MET A 161 1.80 23.87 -0.42
CA MET A 161 2.35 22.74 -1.16
C MET A 161 1.54 21.49 -0.86
N VAL A 162 1.34 20.67 -1.89
CA VAL A 162 0.80 19.33 -1.69
C VAL A 162 1.76 18.35 -2.34
N LEU A 163 2.23 17.40 -1.54
CA LEU A 163 3.02 16.29 -2.01
C LEU A 163 2.08 15.15 -2.32
N VAL A 164 2.33 14.46 -3.43
CA VAL A 164 1.60 13.25 -3.73
C VAL A 164 2.50 12.17 -4.27
N ASN A 165 2.11 10.93 -4.02
CA ASN A 165 2.63 9.87 -4.84
C ASN A 165 1.56 8.87 -5.17
N TYR A 166 1.87 7.98 -6.08
CA TYR A 166 0.89 6.98 -6.51
C TYR A 166 1.63 5.70 -6.88
N ILE A 167 0.89 4.61 -6.86
CA ILE A 167 1.34 3.33 -7.32
C ILE A 167 0.19 2.74 -8.11
N TYR A 168 0.55 2.15 -9.24
CA TYR A 168 -0.36 1.43 -10.10
C TYR A 168 0.26 0.08 -10.39
N PHE A 169 -0.52 -0.98 -10.23
CA PHE A 169 -0.09 -2.36 -10.33
C PHE A 169 -1.13 -3.14 -11.10
N LYS A 170 -0.70 -3.76 -12.20
CA LYS A 170 -1.59 -4.64 -12.95
C LYS A 170 -0.78 -5.82 -13.41
N ALA A 171 -1.23 -7.00 -13.04
CA ALA A 171 -0.42 -8.19 -13.20
C ALA A 171 -1.28 -9.38 -13.50
N LEU A 172 -0.84 -10.15 -14.48
CA LEU A 172 -1.50 -11.41 -14.83
C LEU A 172 -1.12 -12.55 -13.88
N TRP A 173 -2.07 -13.42 -13.58
CA TRP A 173 -1.77 -14.66 -12.85
C TRP A 173 -0.84 -15.56 -13.67
N GLU A 174 0.14 -16.20 -13.05
CA GLU A 174 0.79 -17.33 -13.73
C GLU A 174 -0.24 -18.44 -14.03
N LYS A 175 -1.18 -18.63 -13.11
CA LYS A 175 -2.20 -19.71 -13.20
C LYS A 175 -3.62 -19.10 -13.17
N PRO A 176 -4.08 -18.60 -14.32
CA PRO A 176 -5.37 -17.93 -14.34
C PRO A 176 -6.56 -18.87 -14.27
N PHE A 177 -7.72 -18.27 -14.04
CA PHE A 177 -8.98 -18.95 -13.94
C PHE A 177 -9.68 -18.86 -15.31
N ILE A 178 -10.56 -19.82 -15.58
CA ILE A 178 -11.37 -19.84 -16.82
C ILE A 178 -12.69 -19.19 -16.45
N SER A 179 -12.99 -18.07 -17.08
CA SER A 179 -14.12 -17.25 -16.67
C SER A 179 -15.49 -17.91 -16.86
N SER A 180 -15.62 -18.83 -17.80
CA SER A 180 -16.87 -19.63 -17.95
C SER A 180 -17.20 -20.46 -16.69
N ARG A 181 -16.21 -20.72 -15.84
CA ARG A 181 -16.44 -21.46 -14.58
C ARG A 181 -16.82 -20.56 -13.38
N THR A 182 -16.75 -19.24 -13.53
CA THR A 182 -17.15 -18.35 -12.47
C THR A 182 -18.67 -18.34 -12.33
N THR A 183 -19.16 -18.54 -11.11
CA THR A 183 -20.60 -18.54 -10.83
C THR A 183 -20.84 -17.96 -9.46
N PRO A 184 -22.02 -17.34 -9.23
CA PRO A 184 -22.30 -16.81 -7.89
C PRO A 184 -22.30 -17.90 -6.80
N LYS A 185 -21.71 -17.60 -5.65
CA LYS A 185 -21.66 -18.52 -4.48
C LYS A 185 -21.83 -17.75 -3.18
N ASP A 186 -22.16 -18.48 -2.12
CA ASP A 186 -22.32 -17.88 -0.82
C ASP A 186 -20.94 -17.53 -0.21
N PHE A 187 -20.88 -16.38 0.42
CA PHE A 187 -19.71 -15.90 1.14
C PHE A 187 -20.19 -15.55 2.54
N TYR A 188 -19.60 -16.19 3.54
CA TYR A 188 -20.02 -16.11 4.93
C TYR A 188 -19.22 -15.02 5.62
N VAL A 189 -19.79 -13.83 5.65
CA VAL A 189 -19.17 -12.65 6.25
C VAL A 189 -18.99 -12.88 7.74
N ASP A 190 -20.04 -13.36 8.40
CA ASP A 190 -19.91 -13.79 9.78
C ASP A 190 -21.01 -14.83 10.05
N GLU A 191 -21.21 -15.20 11.30
CA GLU A 191 -22.16 -16.27 11.65
C GLU A 191 -23.62 -16.02 11.18
N ASN A 192 -24.02 -14.74 11.07
CA ASN A 192 -25.39 -14.37 10.71
C ASN A 192 -25.52 -13.70 9.36
N THR A 193 -24.41 -13.52 8.63
CA THR A 193 -24.42 -12.66 7.45
C THR A 193 -23.77 -13.39 6.30
N THR A 194 -24.53 -13.52 5.23
CA THR A 194 -24.12 -14.27 4.05
C THR A 194 -24.45 -13.42 2.82
N VAL A 195 -23.47 -13.27 1.94
CA VAL A 195 -23.67 -12.50 0.70
C VAL A 195 -23.38 -13.38 -0.48
N ARG A 196 -23.72 -12.91 -1.67
CA ARG A 196 -23.47 -13.64 -2.89
C ARG A 196 -22.34 -12.98 -3.62
N VAL A 197 -21.40 -13.77 -4.12
CA VAL A 197 -20.26 -13.23 -4.87
C VAL A 197 -19.98 -14.14 -6.06
N PRO A 198 -19.50 -13.56 -7.18
CA PRO A 198 -18.98 -14.42 -8.23
C PRO A 198 -17.72 -15.14 -7.72
N MET A 199 -17.78 -16.47 -7.73
CA MET A 199 -16.70 -17.31 -7.28
C MET A 199 -16.00 -17.93 -8.46
N MET A 200 -14.73 -17.61 -8.59
CA MET A 200 -13.88 -18.21 -9.62
C MET A 200 -13.48 -19.58 -9.15
N LEU A 201 -13.21 -20.46 -10.10
CA LEU A 201 -12.82 -21.84 -9.79
C LEU A 201 -11.73 -22.33 -10.76
N GLN A 202 -10.66 -22.88 -10.21
CA GLN A 202 -9.71 -23.67 -10.95
C GLN A 202 -9.38 -24.90 -10.13
N ASP A 203 -9.22 -26.04 -10.81
CA ASP A 203 -8.92 -27.31 -10.13
C ASP A 203 -7.93 -28.24 -10.84
N GLN A 204 -7.27 -27.78 -11.89
CA GLN A 204 -6.31 -28.62 -12.61
C GLN A 204 -4.86 -28.30 -12.29
N GLU A 205 -4.61 -27.18 -11.61
CA GLU A 205 -3.25 -26.69 -11.43
C GLU A 205 -2.70 -27.08 -10.07
N HIS A 206 -1.37 -27.19 -9.99
CA HIS A 206 -0.68 -27.22 -8.70
C HIS A 206 -0.57 -25.81 -8.20
N HIS A 207 -0.67 -25.64 -6.88
CA HIS A 207 -0.49 -24.35 -6.23
C HIS A 207 0.39 -24.48 -4.99
N TRP A 208 0.96 -23.35 -4.55
CA TRP A 208 1.78 -23.29 -3.35
C TRP A 208 0.84 -22.92 -2.22
N TYR A 209 0.55 -23.89 -1.34
CA TYR A 209 -0.32 -23.63 -0.19
C TYR A 209 -0.01 -24.53 0.98
N LEU A 210 -0.41 -24.09 2.17
CA LEU A 210 -0.25 -24.86 3.39
C LEU A 210 -1.42 -24.64 4.30
N HIS A 211 -1.68 -25.65 5.12
CA HIS A 211 -2.58 -25.54 6.27
C HIS A 211 -1.68 -25.45 7.48
N ASP A 212 -1.70 -24.29 8.15
CA ASP A 212 -0.71 -23.98 9.17
C ASP A 212 -1.02 -24.88 10.40
N ARG A 213 -0.01 -25.58 10.91
CA ARG A 213 -0.19 -26.42 12.11
C ARG A 213 0.03 -25.68 13.43
N TYR A 214 0.57 -24.47 13.37
CA TYR A 214 0.73 -23.62 14.55
C TYR A 214 -0.39 -22.57 14.69
N LEU A 215 -1.10 -22.28 13.61
CA LEU A 215 -2.09 -21.20 13.61
C LEU A 215 -3.36 -21.64 12.93
N PRO A 216 -4.50 -21.05 13.30
CA PRO A 216 -5.77 -21.45 12.69
C PRO A 216 -6.00 -20.79 11.31
N CYS A 217 -5.20 -21.18 10.32
CA CYS A 217 -5.35 -20.62 8.98
C CYS A 217 -4.68 -21.49 7.95
N SER A 218 -5.08 -21.27 6.69
CA SER A 218 -4.34 -21.73 5.53
C SER A 218 -3.77 -20.54 4.78
N VAL A 219 -2.73 -20.78 4.00
CA VAL A 219 -2.04 -19.73 3.26
C VAL A 219 -1.81 -20.25 1.84
N LEU A 220 -2.21 -19.45 0.86
CA LEU A 220 -2.01 -19.69 -0.56
C LEU A 220 -1.10 -18.60 -1.06
N ARG A 221 -0.05 -18.96 -1.83
CA ARG A 221 0.70 -17.93 -2.52
C ARG A 221 0.49 -18.14 -4.01
N MET A 222 0.00 -17.11 -4.69
CA MET A 222 -0.18 -17.14 -6.14
C MET A 222 0.83 -16.22 -6.80
N ASP A 223 1.48 -16.74 -7.83
CA ASP A 223 2.48 -15.96 -8.53
C ASP A 223 1.82 -15.19 -9.64
N TYR A 224 2.34 -14.00 -9.88
CA TYR A 224 2.04 -13.22 -11.07
C TYR A 224 3.12 -13.45 -12.13
N LYS A 225 2.80 -13.13 -13.37
CA LYS A 225 3.81 -13.06 -14.42
C LYS A 225 4.61 -11.78 -14.20
N GLY A 226 5.88 -11.93 -13.86
CA GLY A 226 6.73 -10.84 -13.38
C GLY A 226 7.11 -11.00 -11.93
N ASP A 227 7.74 -10.00 -11.35
CA ASP A 227 8.40 -10.17 -10.07
C ASP A 227 7.45 -9.76 -8.95
N ALA A 228 6.34 -10.46 -8.84
CA ALA A 228 5.38 -10.21 -7.76
C ALA A 228 4.64 -11.46 -7.41
N THR A 229 4.17 -11.52 -6.17
CA THR A 229 3.35 -12.61 -5.67
CA THR A 229 3.36 -12.60 -5.72
C THR A 229 2.25 -12.02 -4.80
N VAL A 230 1.26 -12.83 -4.52
CA VAL A 230 0.24 -12.47 -3.53
C VAL A 230 0.04 -13.63 -2.59
N PHE A 231 -0.04 -13.32 -1.29
CA PHE A 231 -0.48 -14.25 -0.29
C PHE A 231 -1.94 -13.97 0.04
N PHE A 232 -2.77 -15.01 -0.07
CA PHE A 232 -4.11 -15.02 0.40
C PHE A 232 -4.13 -15.91 1.65
N ILE A 233 -4.42 -15.30 2.79
CA ILE A 233 -4.39 -15.94 4.09
C ILE A 233 -5.82 -16.08 4.55
N LEU A 234 -6.18 -17.34 4.80
CA LEU A 234 -7.57 -17.71 5.08
C LEU A 234 -7.70 -18.21 6.51
N PRO A 235 -8.07 -17.32 7.46
CA PRO A 235 -8.27 -17.79 8.83
C PRO A 235 -9.47 -18.75 8.86
N ASN A 236 -9.41 -19.72 9.75
CA ASN A 236 -10.56 -20.59 10.00
C ASN A 236 -11.72 -19.69 10.44
N GLN A 237 -12.95 -20.15 10.24
CA GLN A 237 -14.12 -19.32 10.55
C GLN A 237 -14.03 -18.74 11.97
N GLY A 238 -14.20 -17.43 12.12
CA GLY A 238 -14.13 -16.79 13.45
C GLY A 238 -12.74 -16.54 14.03
N LYS A 239 -11.68 -16.81 13.27
CA LYS A 239 -10.32 -16.76 13.81
C LYS A 239 -9.49 -15.63 13.18
N MET A 240 -10.17 -14.69 12.51
CA MET A 240 -9.48 -13.58 11.86
C MET A 240 -8.64 -12.82 12.87
N ARG A 241 -9.21 -12.49 14.03
CA ARG A 241 -8.43 -11.74 15.02
C ARG A 241 -7.18 -12.45 15.49
N GLU A 242 -7.25 -13.77 15.65
CA GLU A 242 -6.09 -14.56 16.08
C GLU A 242 -4.91 -14.47 15.08
N ILE A 243 -5.25 -14.43 13.80
CA ILE A 243 -4.22 -14.30 12.79
C ILE A 243 -3.69 -12.88 12.73
N GLU A 244 -4.58 -11.91 12.86
CA GLU A 244 -4.15 -10.50 12.87
C GLU A 244 -3.15 -10.21 14.00
N GLU A 245 -3.34 -10.88 15.16
CA GLU A 245 -2.44 -10.69 16.32
C GLU A 245 -1.02 -11.14 16.05
N VAL A 246 -0.83 -12.02 15.08
CA VAL A 246 0.50 -12.53 14.75
C VAL A 246 0.96 -12.13 13.33
N LEU A 247 0.24 -11.20 12.69
CA LEU A 247 0.57 -10.81 11.31
C LEU A 247 1.75 -9.79 11.34
N THR A 248 2.95 -10.32 11.16
CA THR A 248 4.18 -9.55 11.26
C THR A 248 5.05 -9.84 10.05
N PRO A 249 6.08 -9.02 9.83
CA PRO A 249 7.05 -9.38 8.77
C PRO A 249 7.67 -10.76 8.97
N GLU A 250 7.94 -11.11 10.23
CA GLU A 250 8.51 -12.41 10.55
C GLU A 250 7.55 -13.55 10.20
N MET A 251 6.26 -13.37 10.42
CA MET A 251 5.29 -14.38 10.06
C MET A 251 5.18 -14.52 8.53
N LEU A 252 5.16 -13.39 7.82
CA LEU A 252 5.11 -13.44 6.35
C LEU A 252 6.32 -14.23 5.81
N MET A 253 7.50 -13.98 6.38
CA MET A 253 8.71 -14.71 5.96
C MET A 253 8.68 -16.17 6.33
N ARG A 254 8.08 -16.50 7.45
CA ARG A 254 7.88 -17.90 7.80
C ARG A 254 7.03 -18.59 6.75
N TRP A 255 5.86 -18.03 6.44
CA TRP A 255 5.00 -18.60 5.42
C TRP A 255 5.70 -18.71 4.05
N ASN A 256 6.37 -17.62 3.68
CA ASN A 256 7.10 -17.57 2.41
C ASN A 256 8.12 -18.70 2.33
N ASN A 257 8.90 -18.89 3.40
CA ASN A 257 9.95 -19.93 3.42
C ASN A 257 9.39 -21.34 3.46
N LEU A 258 8.27 -21.55 4.16
CA LEU A 258 7.58 -22.82 4.08
C LEU A 258 7.15 -23.09 2.65
N LEU A 259 6.66 -22.06 1.97
CA LEU A 259 6.22 -22.23 0.59
C LEU A 259 7.35 -22.18 -0.45
N ARG A 260 8.58 -22.43 -0.03
CA ARG A 260 9.69 -22.64 -0.97
C ARG A 260 10.06 -24.12 -1.05
N LYS A 261 9.33 -25.00 -0.34
CA LYS A 261 9.60 -26.44 -0.30
C LYS A 261 8.54 -27.10 -1.11
N ARG A 262 8.97 -27.95 -2.04
CA ARG A 262 8.07 -28.52 -3.02
C ARG A 262 7.00 -29.42 -2.44
N ASN A 263 7.17 -29.94 -1.23
CA ASN A 263 6.05 -30.65 -0.59
C ASN A 263 4.81 -29.77 -0.31
N PHE A 264 4.94 -28.44 -0.42
CA PHE A 264 3.78 -27.55 -0.35
C PHE A 264 3.27 -27.10 -1.72
N TYR A 265 3.73 -27.77 -2.79
CA TYR A 265 3.26 -27.52 -4.14
C TYR A 265 2.45 -28.73 -4.55
N LYS A 266 1.13 -28.60 -4.49
CA LYS A 266 0.21 -29.72 -4.67
C LYS A 266 -0.95 -29.29 -5.54
N LYS A 267 -1.65 -30.29 -6.11
CA LYS A 267 -2.91 -30.01 -6.81
C LYS A 267 -3.88 -29.37 -5.81
N LEU A 268 -4.62 -28.40 -6.31
CA LEU A 268 -5.56 -27.68 -5.49
C LEU A 268 -6.84 -27.40 -6.23
N GLU A 269 -7.94 -27.63 -5.55
CA GLU A 269 -9.23 -27.11 -5.97
C GLU A 269 -9.41 -25.76 -5.28
N LEU A 270 -9.40 -24.68 -6.05
CA LEU A 270 -9.34 -23.31 -5.53
C LEU A 270 -10.57 -22.54 -5.92
N HIS A 271 -11.31 -22.07 -4.94
CA HIS A 271 -12.46 -21.21 -5.15
C HIS A 271 -12.07 -19.86 -4.60
N LEU A 272 -12.07 -18.83 -5.44
CA LEU A 272 -11.58 -17.52 -5.05
C LEU A 272 -12.53 -16.50 -5.63
N PRO A 273 -13.01 -15.56 -4.83
CA PRO A 273 -13.97 -14.64 -5.42
C PRO A 273 -13.34 -13.69 -6.42
N LYS A 274 -14.15 -13.32 -7.39
CA LYS A 274 -13.91 -12.18 -8.25
C LYS A 274 -14.52 -11.01 -7.49
N PHE A 275 -13.75 -9.95 -7.26
CA PHE A 275 -14.20 -8.88 -6.36
C PHE A 275 -13.35 -7.64 -6.44
N SER A 276 -13.93 -6.60 -5.86
CA SER A 276 -13.27 -5.34 -5.69
CA SER A 276 -13.29 -5.32 -5.70
C SER A 276 -13.50 -4.83 -4.29
N ILE A 277 -12.43 -4.31 -3.67
CA ILE A 277 -12.52 -3.56 -2.40
C ILE A 277 -11.65 -2.31 -2.49
N SER A 278 -11.88 -1.41 -1.55
CA SER A 278 -11.09 -0.21 -1.48
C SER A 278 -10.93 0.22 -0.05
N GLY A 279 -9.97 1.13 0.15
CA GLY A 279 -9.71 1.76 1.42
C GLY A 279 -9.52 3.24 1.29
N SER A 280 -9.85 3.98 2.35
CA SER A 280 -9.76 5.42 2.32
C SER A 280 -9.43 5.88 3.73
N TYR A 281 -8.28 6.52 3.89
CA TYR A 281 -7.72 6.84 5.21
C TYR A 281 -7.33 8.29 5.31
N VAL A 282 -7.55 8.84 6.51
CA VAL A 282 -7.12 10.18 6.86
C VAL A 282 -5.85 10.03 7.70
N LEU A 283 -4.70 10.09 7.03
CA LEU A 283 -3.44 9.81 7.68
C LEU A 283 -3.07 10.80 8.78
N ASP A 284 -3.49 12.06 8.62
CA ASP A 284 -3.23 13.06 9.68
C ASP A 284 -3.95 12.72 10.98
N GLN A 285 -5.03 11.94 10.90
CA GLN A 285 -5.75 11.43 12.07
C GLN A 285 -5.21 10.10 12.60
N ILE A 286 -4.59 9.30 11.74
CA ILE A 286 -4.08 7.97 12.11
C ILE A 286 -2.62 7.94 12.55
N LEU A 287 -1.75 8.59 11.79
CA LEU A 287 -0.32 8.47 11.99
C LEU A 287 0.22 8.99 13.30
N PRO A 288 -0.47 9.94 13.97
CA PRO A 288 0.03 10.28 15.30
C PRO A 288 0.11 9.08 16.26
N ARG A 289 -0.70 8.05 16.03
CA ARG A 289 -0.63 6.83 16.82
C ARG A 289 0.37 5.80 16.34
N LEU A 290 1.13 6.09 15.28
CA LEU A 290 2.19 5.22 14.78
C LEU A 290 3.56 5.89 14.80
N GLY A 291 3.74 6.88 15.67
CA GLY A 291 5.03 7.54 15.85
C GLY A 291 5.17 8.93 15.25
N PHE A 292 4.10 9.48 14.69
CA PHE A 292 4.20 10.74 13.95
C PHE A 292 3.60 11.93 14.72
N THR A 293 3.63 11.88 16.05
CA THR A 293 3.10 13.01 16.83
C THR A 293 3.84 14.31 16.53
N ASP A 294 5.16 14.28 16.38
CA ASP A 294 5.91 15.50 16.08
C ASP A 294 5.45 16.14 14.79
N LEU A 295 5.37 15.34 13.72
CA LEU A 295 5.05 15.88 12.41
C LEU A 295 3.71 16.61 12.36
N PHE A 296 2.74 16.07 13.06
CA PHE A 296 1.38 16.63 13.09
C PHE A 296 1.13 17.62 14.23
N SER A 297 2.20 18.10 14.85
CA SER A 297 2.09 19.04 15.97
C SER A 297 2.51 20.41 15.55
N LYS A 298 2.26 21.37 16.44
CA LYS A 298 2.74 22.71 16.30
C LYS A 298 4.28 22.83 16.32
N TRP A 299 4.98 21.76 16.70
CA TRP A 299 6.43 21.78 16.86
C TRP A 299 7.25 21.29 15.66
N ALA A 300 6.58 20.80 14.63
CA ALA A 300 7.22 20.24 13.44
C ALA A 300 8.12 21.29 12.80
N ASP A 301 9.34 20.87 12.45
CA ASP A 301 10.29 21.72 11.77
C ASP A 301 10.38 21.28 10.31
N LEU A 302 9.67 21.98 9.47
CA LEU A 302 9.65 21.76 8.05
C LEU A 302 10.36 22.92 7.35
N SER A 303 11.40 23.45 7.94
CA SER A 303 12.06 24.65 7.42
C SER A 303 13.06 24.31 6.29
N GLY A 304 13.12 23.04 5.87
CA GLY A 304 13.86 22.64 4.67
C GLY A 304 13.09 22.84 3.40
N ILE A 305 11.82 23.26 3.47
CA ILE A 305 11.01 23.44 2.28
C ILE A 305 11.09 24.88 1.78
N THR A 306 11.05 25.81 2.73
CA THR A 306 11.17 27.24 2.46
C THR A 306 11.67 27.95 3.75
N LYS A 307 12.32 29.09 3.57
CA LYS A 307 12.63 30.00 4.69
C LYS A 307 11.62 31.15 4.79
N GLN A 308 10.71 31.23 3.82
CA GLN A 308 9.84 32.40 3.63
C GLN A 308 8.64 32.44 4.58
N GLN A 309 8.17 31.28 5.03
CA GLN A 309 7.08 31.16 6.00
C GLN A 309 7.39 30.01 6.95
N LYS A 310 6.78 30.06 8.14
CA LYS A 310 6.79 28.92 9.07
C LYS A 310 5.70 27.94 8.68
N LEU A 311 6.11 26.71 8.37
CA LEU A 311 5.21 25.73 7.77
C LEU A 311 4.71 24.72 8.76
N GLU A 312 3.50 24.23 8.55
CA GLU A 312 3.04 23.09 9.34
C GLU A 312 2.24 22.11 8.50
N ALA A 313 2.11 20.89 9.02
CA ALA A 313 1.33 19.85 8.37
C ALA A 313 -0.14 20.25 8.32
N SER A 314 -0.80 19.97 7.19
CA SER A 314 -2.22 20.09 7.04
C SER A 314 -2.78 18.66 6.81
N LYS A 315 -3.67 18.45 5.87
CA LYS A 315 -4.32 17.16 5.71
C LYS A 315 -3.43 16.19 4.93
N SER A 316 -3.59 14.90 5.21
CA SER A 316 -2.89 13.82 4.48
C SER A 316 -3.85 12.66 4.27
N PHE A 317 -4.05 12.29 2.99
CA PHE A 317 -5.00 11.23 2.64
C PHE A 317 -4.31 10.06 2.00
N HIS A 318 -4.90 8.89 2.14
CA HIS A 318 -4.47 7.71 1.42
C HIS A 318 -5.71 6.96 0.91
N LYS A 319 -5.76 6.65 -0.37
CA LYS A 319 -6.80 5.81 -0.93
C LYS A 319 -6.19 4.71 -1.74
N ALA A 320 -6.87 3.59 -1.77
CA ALA A 320 -6.40 2.42 -2.48
C ALA A 320 -7.55 1.54 -2.97
N THR A 321 -7.30 0.82 -4.06
CA THR A 321 -8.31 -0.10 -4.62
C THR A 321 -7.68 -1.40 -5.07
N LEU A 322 -8.44 -2.48 -4.91
CA LEU A 322 -8.06 -3.84 -5.32
C LEU A 322 -9.15 -4.42 -6.20
N ASP A 323 -8.74 -5.00 -7.33
CA ASP A 323 -9.63 -5.65 -8.28
CA ASP A 323 -9.63 -5.66 -8.29
C ASP A 323 -9.01 -6.99 -8.68
N VAL A 324 -9.69 -8.07 -8.31
CA VAL A 324 -9.25 -9.43 -8.56
C VAL A 324 -10.25 -10.08 -9.52
N ASP A 325 -9.73 -10.62 -10.61
CA ASP A 325 -10.57 -11.38 -11.54
C ASP A 325 -9.81 -12.59 -12.09
N GLU A 326 -10.36 -13.20 -13.15
CA GLU A 326 -9.87 -14.46 -13.63
C GLU A 326 -8.51 -14.35 -14.29
N ALA A 327 -8.18 -13.19 -14.82
CA ALA A 327 -6.94 -12.99 -15.55
C ALA A 327 -5.77 -12.49 -14.65
N GLY A 328 -6.10 -11.76 -13.60
CA GLY A 328 -5.09 -11.25 -12.69
C GLY A 328 -5.62 -10.31 -11.64
N THR A 329 -4.73 -9.43 -11.19
CA THR A 329 -5.05 -8.42 -10.18
C THR A 329 -4.67 -7.04 -10.67
N GLU A 330 -5.52 -6.07 -10.37
CA GLU A 330 -5.22 -4.67 -10.52
C GLU A 330 -5.33 -4.02 -9.14
N ALA A 331 -4.29 -3.29 -8.79
CA ALA A 331 -4.26 -2.56 -7.49
C ALA A 331 -3.67 -1.18 -7.69
N ALA A 332 -4.26 -0.17 -7.06
CA ALA A 332 -3.80 1.16 -7.16
C ALA A 332 -3.90 1.86 -5.81
N ALA A 333 -3.07 2.87 -5.63
CA ALA A 333 -3.11 3.68 -4.42
C ALA A 333 -2.42 4.99 -4.64
N ALA A 334 -2.76 5.94 -3.78
CA ALA A 334 -2.08 7.21 -3.75
C ALA A 334 -2.11 7.83 -2.37
N THR A 335 -1.15 8.70 -2.11
CA THR A 335 -1.01 9.38 -0.82
C THR A 335 -0.77 10.84 -1.09
N SER A 336 -1.47 11.71 -0.36
CA SER A 336 -1.23 13.14 -0.39
C SER A 336 -0.72 13.62 0.98
N PHE A 337 0.01 14.74 0.94
CA PHE A 337 0.40 15.44 2.16
C PHE A 337 0.45 16.93 1.88
N ALA A 338 -0.40 17.69 2.58
CA ALA A 338 -0.54 19.13 2.38
C ALA A 338 0.17 19.87 3.50
N ILE A 339 0.83 20.97 3.13
CA ILE A 339 1.62 21.80 4.02
C ILE A 339 1.01 23.19 3.98
N LYS A 340 0.77 23.78 5.15
CA LYS A 340 0.18 25.13 5.21
C LYS A 340 1.10 26.06 6.01
N PHE A 341 0.72 27.32 6.06
CA PHE A 341 1.44 28.33 6.87
C PHE A 341 0.47 29.11 7.76
N ASN B 6 -10.52 -33.53 3.17
CA ASN B 6 -10.49 -32.61 2.00
C ASN B 6 -9.29 -31.63 2.08
N ARG B 7 -8.07 -32.16 2.12
CA ARG B 7 -6.88 -31.31 2.34
C ARG B 7 -6.37 -30.59 1.09
N HIS B 8 -6.90 -30.93 -0.09
CA HIS B 8 -6.50 -30.32 -1.36
C HIS B 8 -7.55 -29.38 -1.93
N ILE B 9 -8.25 -28.68 -1.04
CA ILE B 9 -9.26 -27.70 -1.42
C ILE B 9 -9.11 -26.44 -0.56
N LEU B 10 -9.27 -25.28 -1.20
CA LEU B 10 -9.38 -24.03 -0.49
C LEU B 10 -10.58 -23.27 -1.04
N ARG B 11 -11.47 -22.87 -0.15
CA ARG B 11 -12.61 -22.03 -0.50
C ARG B 11 -12.51 -20.70 0.21
N PHE B 12 -12.24 -19.64 -0.56
CA PHE B 12 -12.19 -18.31 0.01
C PHE B 12 -13.62 -17.72 0.06
N ASN B 13 -14.41 -18.28 0.97
CA ASN B 13 -15.83 -17.96 1.12
C ASN B 13 -16.10 -17.41 2.51
N ARG B 14 -15.07 -16.84 3.12
CA ARG B 14 -15.16 -16.19 4.42
C ARG B 14 -14.00 -15.18 4.46
N PRO B 15 -14.00 -14.25 5.42
CA PRO B 15 -12.98 -13.19 5.37
C PRO B 15 -11.54 -13.69 5.28
N PHE B 16 -10.74 -13.01 4.47
CA PHE B 16 -9.35 -13.39 4.25
C PHE B 16 -8.47 -12.19 4.08
N LEU B 17 -7.17 -12.41 4.21
CA LEU B 17 -6.18 -11.34 4.10
C LEU B 17 -5.46 -11.43 2.78
N VAL B 18 -4.95 -10.28 2.34
CA VAL B 18 -4.26 -10.18 1.05
C VAL B 18 -2.95 -9.44 1.24
N VAL B 19 -1.85 -10.02 0.80
CA VAL B 19 -0.53 -9.36 0.87
C VAL B 19 0.07 -9.45 -0.53
N ILE B 20 0.18 -8.31 -1.21
CA ILE B 20 0.78 -8.27 -2.55
C ILE B 20 2.23 -7.84 -2.34
N PHE B 21 3.14 -8.68 -2.82
CA PHE B 21 4.55 -8.59 -2.51
C PHE B 21 5.39 -8.50 -3.79
N SER B 22 6.27 -7.48 -3.88
CA SER B 22 7.30 -7.41 -4.91
C SER B 22 8.45 -8.32 -4.55
N THR B 23 8.73 -9.33 -5.38
CA THR B 23 9.80 -10.24 -5.06
C THR B 23 11.16 -9.64 -5.46
N SER B 24 11.22 -8.71 -6.39
CA SER B 24 12.49 -8.06 -6.75
C SER B 24 12.94 -7.05 -5.69
N THR B 25 12.01 -6.36 -5.02
CA THR B 25 12.39 -5.38 -4.00
C THR B 25 12.11 -5.84 -2.57
N GLN B 26 11.44 -6.99 -2.41
CA GLN B 26 11.03 -7.52 -1.13
C GLN B 26 10.11 -6.52 -0.36
N SER B 27 9.24 -5.83 -1.10
CA SER B 27 8.33 -4.82 -0.55
C SER B 27 6.91 -5.31 -0.57
N VAL B 28 6.23 -5.01 0.51
CA VAL B 28 4.79 -5.13 0.55
C VAL B 28 4.21 -3.95 -0.18
N LEU B 29 3.71 -4.21 -1.38
CA LEU B 29 3.07 -3.18 -2.19
C LEU B 29 1.68 -2.83 -1.72
N PHE B 30 0.92 -3.83 -1.32
CA PHE B 30 -0.46 -3.64 -0.87
C PHE B 30 -0.78 -4.68 0.17
N LEU B 31 -1.65 -4.26 1.09
CA LEU B 31 -2.03 -5.11 2.19
C LEU B 31 -3.48 -4.83 2.54
N GLY B 32 -4.21 -5.88 2.83
CA GLY B 32 -5.57 -5.69 3.17
C GLY B 32 -6.31 -6.93 3.61
N LYS B 33 -7.59 -6.69 3.83
CA LYS B 33 -8.50 -7.69 4.31
C LYS B 33 -9.84 -7.54 3.60
N VAL B 34 -10.37 -8.66 3.15
CA VAL B 34 -11.70 -8.75 2.56
C VAL B 34 -12.63 -9.35 3.63
N VAL B 35 -13.52 -8.53 4.15
CA VAL B 35 -14.55 -8.97 5.09
C VAL B 35 -15.87 -9.23 4.34
N ASP B 36 -16.24 -8.29 3.45
CA ASP B 36 -17.43 -8.41 2.64
C ASP B 36 -17.10 -7.89 1.24
N PRO B 37 -16.89 -8.80 0.30
CA PRO B 37 -16.52 -8.38 -1.05
C PRO B 37 -17.63 -7.67 -1.88
N THR B 38 -18.85 -7.59 -1.34
CA THR B 38 -19.95 -6.84 -1.99
C THR B 38 -20.08 -5.42 -1.44
N LYS B 39 -18.99 -4.95 -0.81
CA LYS B 39 -18.70 -3.52 -0.70
C LYS B 39 -17.53 -3.14 -1.64
N PRO B 40 -17.83 -2.40 -2.74
CA PRO B 40 -16.72 -1.84 -3.56
C PRO B 40 -15.89 -0.79 -2.82
O4 Z9L C . 7.63 -29.07 12.33
C4 Z9L C . 6.28 -29.40 12.79
C5 Z9L C . 5.25 -28.27 12.62
O5 Z9L C . 3.95 -28.73 13.11
C6 Z9L C . 5.06 -27.81 11.20
O6 Z9L C . 3.95 -26.96 11.13
S1 Z9L C . 3.94 -25.93 9.82
O7 Z9L C . 5.22 -24.89 10.05
O11 Z9L C . 2.51 -25.12 9.76
O15 Z9L C . 4.17 -26.83 8.43
C3 Z9L C . 6.42 -29.68 14.26
O3 Z9L C . 7.18 -30.91 14.37
S2 Z9L C . 8.44 -30.88 15.45
O8 Z9L C . 9.21 -32.34 15.44
O9 Z9L C . 7.83 -30.58 16.97
O10 Z9L C . 9.49 -29.68 15.03
C2 Z9L C . 5.17 -29.79 15.09
O2 Z9L C . 4.76 -31.17 15.19
S3 Z9L C . 4.05 -31.70 16.62
O12 Z9L C . 4.06 -33.37 16.54
O13 Z9L C . 2.49 -31.19 16.71
O14 Z9L C . 4.88 -31.19 17.97
C1 Z9L C . 3.95 -28.97 14.59
O1 Z9L C . 3.93 -27.77 15.23
C7 Z9L C . 2.67 -27.09 15.32
O4 Z9K C . 11.83 -28.84 11.15
C4 Z9K C . 10.84 -29.26 10.22
C5 Z9K C . 9.97 -28.07 9.72
O5 Z9K C . 8.72 -27.91 10.65
C6 Z9K C . 10.65 -26.84 9.68
O10 Z9K C . 11.26 -26.41 10.71
O6 Z9K C . 10.65 -26.13 8.64
C3 Z9K C . 10.07 -30.38 10.88
O3 Z9K C . 10.64 -31.67 10.48
C7 Z9K C . 11.89 -32.01 11.03
C2 Z9K C . 8.64 -30.39 10.50
O2 Z9K C . 7.95 -31.55 11.09
S1 Z9K C . 6.74 -32.30 10.19
O7 Z9K C . 5.66 -33.02 11.25
O8 Z9K C . 7.39 -33.46 9.21
O9 Z9K C . 5.93 -31.20 9.27
C1 Z9K C . 7.94 -29.13 10.93
C1 EDO D . 12.32 -2.65 11.89
O1 EDO D . 11.67 -1.36 11.97
C2 EDO D . 13.60 -2.58 11.05
O2 EDO D . 14.54 -1.66 11.64
C1 EDO E . -17.17 -4.34 4.70
O1 EDO E . -16.37 -3.22 5.07
C2 EDO E . -18.54 -4.20 5.37
O2 EDO E . -18.42 -4.74 6.68
C1 EDO F . 0.72 -7.46 16.12
O1 EDO F . 1.94 -7.89 16.74
C2 EDO F . 0.81 -7.74 14.63
O2 EDO F . 1.52 -6.67 13.99
C1 EDO G . -8.78 3.66 11.65
O1 EDO G . -9.15 4.38 12.83
C2 EDO G . -9.93 3.67 10.63
O2 EDO G . -9.61 4.49 9.50
C1 GOL H . -3.46 -18.83 20.83
O1 GOL H . -2.04 -18.65 20.85
C2 GOL H . -4.10 -18.01 21.94
O2 GOL H . -3.51 -16.72 22.00
C3 GOL H . -5.59 -17.86 21.71
O3 GOL H . -6.20 -19.13 21.40
CL CL I . -5.28 20.73 3.67
NA NA J . 6.35 -14.35 -11.38
CL CL K . -2.37 -36.25 -4.30
#